data_8GXO
#
_entry.id   8GXO
#
_cell.length_a   99.899
_cell.length_b   99.899
_cell.length_c   99.030
_cell.angle_alpha   90.000
_cell.angle_beta   90.000
_cell.angle_gamma   120.000
#
_symmetry.space_group_name_H-M   'P 32 2 1'
#
loop_
_entity.id
_entity.type
_entity.pdbx_description
1 polymer 'Caffeoyl-CoA O-methyltransferase'
2 non-polymer S-ADENOSYL-L-HOMOCYSTEINE
3 non-polymer 'MAGNESIUM ION'
4 water water
#
_entity_poly.entity_id   1
_entity_poly.type   'polypeptide(L)'
_entity_poly.pdbx_seq_one_letter_code
;MADNIVLKTILQSEALQKYIFDTNVYPREHEQLKRIRDATFKKYGYRAELSVPPDEGLFLSMLLKLMNAKKTLEIGVFTG
YSLLTTALALPHDGQIVAIDPNREAFEVGLPFIQKAGVEHKINFIESDAISVLNEMLSDEGKLKMEFDFVFVDADKPNYI
NYHEQAIKLVKVGGVIAYDNTLWYGSVVSNEEEVPERLRASQKPIIELNKYLASDPRIEITQISIGDGVTLCRRIL
;
_entity_poly.pdbx_strand_id   A,B
#
loop_
_chem_comp.id
_chem_comp.type
_chem_comp.name
_chem_comp.formula
MG non-polymer 'MAGNESIUM ION' 'Mg 2'
#
# COMPACT_ATOMS: atom_id res chain seq x y z
N LYS A 8 12.29 -2.80 16.02
CA LYS A 8 12.47 -1.80 14.98
C LYS A 8 11.11 -1.32 14.43
N THR A 9 10.90 -0.01 14.43
CA THR A 9 9.65 0.58 13.96
C THR A 9 9.81 2.09 13.86
N ILE A 10 9.01 2.69 12.98
CA ILE A 10 8.83 4.15 12.93
C ILE A 10 7.47 4.57 13.47
N LEU A 11 6.71 3.63 14.04
CA LEU A 11 5.42 3.93 14.62
C LEU A 11 5.58 4.56 16.01
N GLN A 12 4.45 4.96 16.58
CA GLN A 12 4.44 5.66 17.87
C GLN A 12 4.91 4.75 19.00
N SER A 13 4.77 3.43 18.86
CA SER A 13 5.18 2.54 19.93
C SER A 13 5.59 1.20 19.35
N GLU A 14 6.64 0.63 19.94
CA GLU A 14 7.03 -0.74 19.59
C GLU A 14 5.91 -1.74 19.87
N ALA A 15 5.10 -1.48 20.89
CA ALA A 15 3.99 -2.38 21.17
C ALA A 15 2.99 -2.40 20.03
N LEU A 16 2.73 -1.23 19.43
CA LEU A 16 1.79 -1.19 18.32
C LEU A 16 2.34 -1.97 17.13
N GLN A 17 3.64 -1.85 16.87
CA GLN A 17 4.26 -2.63 15.80
C GLN A 17 4.14 -4.12 16.07
N LYS A 18 4.36 -4.54 17.32
CA LYS A 18 4.22 -5.96 17.64
C LYS A 18 2.77 -6.43 17.53
N TYR A 19 1.81 -5.57 17.87
CA TYR A 19 0.41 -5.93 17.70
C TYR A 19 0.12 -6.32 16.25
N ILE A 20 0.61 -5.50 15.31
CA ILE A 20 0.44 -5.79 13.88
C ILE A 20 1.05 -7.15 13.54
N PHE A 21 2.29 -7.38 13.97
CA PHE A 21 2.96 -8.64 13.68
C PHE A 21 2.18 -9.81 14.26
N ASP A 22 1.83 -9.72 15.55
CA ASP A 22 1.23 -10.86 16.25
C ASP A 22 -0.17 -11.15 15.76
N THR A 23 -0.98 -10.10 15.51
CA THR A 23 -2.37 -10.29 15.15
C THR A 23 -2.50 -10.64 13.68
N ASN A 24 -1.77 -9.93 12.82
CA ASN A 24 -2.10 -9.90 11.41
C ASN A 24 -0.98 -10.32 10.46
N VAL A 25 0.17 -10.77 10.96
CA VAL A 25 1.22 -11.23 10.05
C VAL A 25 1.63 -12.67 10.37
N TYR A 26 2.18 -12.90 11.56
CA TYR A 26 2.71 -14.23 11.87
C TYR A 26 1.70 -15.36 11.67
N PRO A 27 0.41 -15.22 11.99
CA PRO A 27 -0.53 -16.34 11.76
C PRO A 27 -0.81 -16.64 10.30
N ARG A 28 -0.53 -15.72 9.37
CA ARG A 28 -0.67 -16.00 7.93
C ARG A 28 0.66 -15.98 7.20
N GLU A 29 1.78 -16.01 7.92
CA GLU A 29 3.09 -15.98 7.26
C GLU A 29 3.51 -17.38 6.81
N HIS A 30 3.92 -17.51 5.55
CA HIS A 30 4.43 -18.78 5.03
C HIS A 30 5.54 -19.31 5.95
N GLU A 31 5.50 -20.62 6.20
CA GLU A 31 6.47 -21.20 7.11
C GLU A 31 7.90 -20.95 6.65
N GLN A 32 8.14 -20.98 5.34
CA GLN A 32 9.52 -20.78 4.89
C GLN A 32 9.96 -19.33 5.03
N LEU A 33 9.01 -18.38 5.04
CA LEU A 33 9.37 -17.00 5.37
C LEU A 33 9.79 -16.88 6.83
N LYS A 34 9.09 -17.59 7.73
CA LYS A 34 9.56 -17.65 9.11
C LYS A 34 10.96 -18.24 9.19
N ARG A 35 11.21 -19.30 8.41
CA ARG A 35 12.51 -19.96 8.45
C ARG A 35 13.61 -18.99 8.03
N ILE A 36 13.33 -18.14 7.04
CA ILE A 36 14.30 -17.14 6.61
C ILE A 36 14.57 -16.15 7.74
N ARG A 37 13.51 -15.67 8.39
CA ARG A 37 13.68 -14.72 9.49
C ARG A 37 14.55 -15.30 10.59
N ASP A 38 14.25 -16.54 11.02
CA ASP A 38 14.98 -17.16 12.11
C ASP A 38 16.44 -17.37 11.74
N ALA A 39 16.69 -17.87 10.54
CA ALA A 39 18.06 -18.10 10.10
C ALA A 39 18.82 -16.79 9.96
N THR A 40 18.13 -15.73 9.52
CA THR A 40 18.80 -14.46 9.31
C THR A 40 19.24 -13.83 10.63
N PHE A 41 18.40 -13.86 11.67
CA PHE A 41 18.87 -13.35 12.95
C PHE A 41 20.00 -14.18 13.52
N LYS A 42 19.92 -15.51 13.37
CA LYS A 42 20.95 -16.37 13.94
C LYS A 42 22.32 -16.07 13.33
N LYS A 43 22.36 -15.76 12.04
CA LYS A 43 23.63 -15.45 11.40
C LYS A 43 24.02 -13.98 11.56
N TYR A 44 23.04 -13.06 11.48
CA TYR A 44 23.35 -11.65 11.31
C TYR A 44 23.01 -10.76 12.51
N GLY A 45 22.28 -11.27 13.50
CA GLY A 45 22.00 -10.43 14.66
C GLY A 45 21.15 -9.24 14.28
N TYR A 46 21.53 -8.04 14.76
CA TYR A 46 20.75 -6.85 14.44
C TYR A 46 20.75 -6.55 12.95
N ARG A 47 21.74 -7.03 12.20
CA ARG A 47 21.70 -6.80 10.75
C ARG A 47 20.53 -7.52 10.09
N ALA A 48 19.86 -8.42 10.80
CA ALA A 48 18.64 -9.00 10.26
C ALA A 48 17.59 -7.94 9.98
N GLU A 49 17.71 -6.76 10.59
CA GLU A 49 16.76 -5.69 10.31
C GLU A 49 16.88 -5.17 8.89
N LEU A 50 17.90 -5.60 8.15
CA LEU A 50 17.98 -5.29 6.72
C LEU A 50 16.81 -5.90 5.95
N SER A 51 16.26 -7.01 6.44
CA SER A 51 15.17 -7.67 5.73
C SER A 51 13.94 -6.77 5.70
N VAL A 52 13.18 -6.89 4.62
CA VAL A 52 11.86 -6.25 4.62
C VAL A 52 11.08 -6.75 5.83
N PRO A 53 10.46 -5.88 6.62
CA PRO A 53 9.72 -6.35 7.80
C PRO A 53 8.49 -7.13 7.39
N PRO A 54 8.00 -8.02 8.26
CA PRO A 54 6.94 -8.94 7.84
C PRO A 54 5.62 -8.25 7.47
N ASP A 55 5.28 -7.12 8.09
CA ASP A 55 4.03 -6.47 7.70
C ASP A 55 4.17 -5.82 6.32
N GLU A 56 5.34 -5.20 6.06
CA GLU A 56 5.62 -4.70 4.72
C GLU A 56 5.61 -5.83 3.69
N GLY A 57 6.18 -6.99 4.06
CA GLY A 57 6.15 -8.13 3.16
C GLY A 57 4.74 -8.52 2.74
N LEU A 58 3.84 -8.64 3.72
CA LEU A 58 2.46 -9.03 3.44
C LEU A 58 1.75 -8.01 2.57
N PHE A 59 2.08 -6.73 2.75
CA PHE A 59 1.50 -5.69 1.90
C PHE A 59 2.00 -5.81 0.47
N LEU A 60 3.32 -5.97 0.30
CA LEU A 60 3.89 -6.13 -1.03
C LEU A 60 3.30 -7.34 -1.73
N SER A 61 3.11 -8.43 -0.98
CA SER A 61 2.47 -9.62 -1.54
C SER A 61 1.10 -9.28 -2.13
N MET A 62 0.24 -8.57 -1.37
CA MET A 62 -1.09 -8.36 -1.92
C MET A 62 -1.04 -7.35 -3.06
N LEU A 63 -0.13 -6.38 -2.98
CA LEU A 63 0.06 -5.44 -4.07
C LEU A 63 0.38 -6.19 -5.36
N LEU A 64 1.29 -7.15 -5.28
CA LEU A 64 1.68 -7.92 -6.46
C LEU A 64 0.51 -8.69 -7.03
N LYS A 65 -0.36 -9.21 -6.15
CA LYS A 65 -1.52 -9.95 -6.62
C LYS A 65 -2.54 -9.02 -7.25
N LEU A 66 -2.75 -7.85 -6.66
CA LEU A 66 -3.75 -6.94 -7.19
C LEU A 66 -3.34 -6.38 -8.56
N MET A 67 -2.03 -6.15 -8.76
CA MET A 67 -1.56 -5.63 -10.06
C MET A 67 -1.47 -6.73 -11.13
N ASN A 68 -1.62 -8.00 -10.75
CA ASN A 68 -1.43 -9.13 -11.66
C ASN A 68 0.01 -9.12 -12.21
N ALA A 69 0.96 -8.73 -11.36
CA ALA A 69 2.36 -8.76 -11.74
C ALA A 69 2.81 -10.16 -12.10
N LYS A 70 3.70 -10.26 -13.10
CA LYS A 70 4.27 -11.54 -13.50
C LYS A 70 5.79 -11.48 -13.69
N LYS A 71 6.32 -10.33 -14.07
CA LYS A 71 7.75 -10.15 -14.31
C LYS A 71 8.27 -9.06 -13.38
N THR A 72 9.25 -9.39 -12.54
CA THR A 72 9.73 -8.40 -11.57
C THR A 72 11.25 -8.40 -11.48
N LEU A 73 11.75 -7.30 -10.93
CA LEU A 73 13.17 -7.06 -10.73
C LEU A 73 13.36 -6.71 -9.26
N GLU A 74 14.31 -7.37 -8.60
CA GLU A 74 14.65 -7.03 -7.22
C GLU A 74 16.11 -6.65 -7.15
N ILE A 75 16.38 -5.44 -6.66
CA ILE A 75 17.72 -4.90 -6.48
C ILE A 75 17.98 -4.89 -4.99
N GLY A 76 18.82 -5.80 -4.52
CA GLY A 76 19.06 -6.00 -3.10
C GLY A 76 18.28 -7.18 -2.52
N VAL A 77 18.97 -8.31 -2.28
CA VAL A 77 18.32 -9.56 -1.94
C VAL A 77 18.58 -9.97 -0.50
N PHE A 78 19.79 -9.76 0.00
CA PHE A 78 20.18 -10.17 1.35
C PHE A 78 19.85 -11.66 1.49
N THR A 79 19.17 -12.08 2.55
CA THR A 79 18.84 -13.49 2.75
C THR A 79 17.51 -13.90 2.14
N GLY A 80 16.82 -12.98 1.48
CA GLY A 80 15.74 -13.34 0.58
C GLY A 80 14.30 -13.19 1.07
N TYR A 81 14.04 -12.46 2.17
CA TYR A 81 12.67 -12.38 2.66
C TYR A 81 11.74 -11.74 1.61
N SER A 82 12.12 -10.57 1.08
CA SER A 82 11.26 -9.94 0.08
C SER A 82 11.26 -10.74 -1.22
N LEU A 83 12.37 -11.41 -1.54
CA LEU A 83 12.39 -12.23 -2.76
C LEU A 83 11.45 -13.42 -2.66
N LEU A 84 11.48 -14.13 -1.54
CA LEU A 84 10.55 -15.25 -1.38
C LEU A 84 9.11 -14.75 -1.29
N THR A 85 8.89 -13.61 -0.62
CA THR A 85 7.56 -13.01 -0.62
C THR A 85 7.07 -12.79 -2.04
N THR A 86 7.92 -12.21 -2.88
CA THR A 86 7.56 -11.92 -4.27
C THR A 86 7.29 -13.19 -5.05
N ALA A 87 8.19 -14.18 -4.96
CA ALA A 87 8.02 -15.44 -5.70
C ALA A 87 6.74 -16.16 -5.30
N LEU A 88 6.38 -16.12 -4.02
CA LEU A 88 5.15 -16.78 -3.58
C LEU A 88 3.90 -16.06 -4.11
N ALA A 89 3.97 -14.74 -4.26
CA ALA A 89 2.81 -13.96 -4.69
C ALA A 89 2.57 -14.11 -6.19
N LEU A 90 3.64 -14.21 -6.97
CA LEU A 90 3.55 -14.31 -8.42
C LEU A 90 2.89 -15.62 -8.85
N PRO A 91 2.28 -15.65 -10.04
CA PRO A 91 1.71 -16.91 -10.53
C PRO A 91 2.78 -17.94 -10.84
N HIS A 92 2.37 -19.15 -11.22
CA HIS A 92 3.33 -20.22 -11.42
C HIS A 92 4.37 -19.85 -12.47
N ASP A 93 4.00 -19.09 -13.50
CA ASP A 93 4.92 -18.72 -14.55
C ASP A 93 5.59 -17.37 -14.29
N GLY A 94 5.51 -16.85 -13.06
CA GLY A 94 6.20 -15.61 -12.75
C GLY A 94 7.70 -15.77 -12.82
N GLN A 95 8.39 -14.67 -13.12
CA GLN A 95 9.84 -14.67 -13.21
C GLN A 95 10.41 -13.43 -12.55
N ILE A 96 11.46 -13.61 -11.77
CA ILE A 96 12.10 -12.54 -11.00
C ILE A 96 13.58 -12.51 -11.36
N VAL A 97 14.09 -11.32 -11.66
CA VAL A 97 15.53 -11.07 -11.73
C VAL A 97 15.93 -10.43 -10.41
N ALA A 98 16.87 -11.05 -9.70
CA ALA A 98 17.23 -10.64 -8.34
C ALA A 98 18.74 -10.42 -8.30
N ILE A 99 19.16 -9.21 -7.94
CA ILE A 99 20.56 -8.80 -8.03
C ILE A 99 21.11 -8.49 -6.65
N ASP A 100 22.25 -9.10 -6.32
CA ASP A 100 22.93 -8.77 -5.07
C ASP A 100 24.37 -9.27 -5.16
N PRO A 101 25.37 -8.47 -4.77
CA PRO A 101 26.75 -8.98 -4.79
C PRO A 101 27.00 -10.04 -3.74
N ASN A 102 26.17 -10.17 -2.71
CA ASN A 102 26.44 -11.09 -1.60
C ASN A 102 25.69 -12.40 -1.85
N ARG A 103 26.33 -13.30 -2.59
CA ARG A 103 25.75 -14.64 -2.78
C ARG A 103 25.69 -15.41 -1.47
N GLU A 104 26.60 -15.13 -0.52
CA GLU A 104 26.57 -15.85 0.75
C GLU A 104 25.27 -15.61 1.52
N ALA A 105 24.82 -14.35 1.59
CA ALA A 105 23.54 -14.06 2.22
C ALA A 105 22.40 -14.74 1.47
N PHE A 106 22.41 -14.69 0.14
CA PHE A 106 21.38 -15.37 -0.65
C PHE A 106 21.29 -16.85 -0.28
N GLU A 107 22.45 -17.50 -0.09
CA GLU A 107 22.44 -18.93 0.20
C GLU A 107 21.99 -19.25 1.63
N VAL A 108 21.89 -18.25 2.51
CA VAL A 108 21.22 -18.44 3.80
C VAL A 108 19.73 -18.71 3.59
N GLY A 109 19.11 -18.00 2.66
CA GLY A 109 17.68 -18.16 2.46
C GLY A 109 17.30 -19.20 1.42
N LEU A 110 18.24 -19.54 0.54
CA LEU A 110 17.94 -20.42 -0.60
C LEU A 110 17.33 -21.77 -0.20
N PRO A 111 17.79 -22.45 0.86
CA PRO A 111 17.11 -23.71 1.23
C PRO A 111 15.63 -23.56 1.49
N PHE A 112 15.22 -22.41 2.03
CA PHE A 112 13.81 -22.21 2.34
C PHE A 112 13.04 -21.79 1.11
N ILE A 113 13.67 -21.02 0.22
CA ILE A 113 13.11 -20.76 -1.10
C ILE A 113 12.86 -22.07 -1.84
N GLN A 114 13.84 -22.98 -1.78
CA GLN A 114 13.70 -24.26 -2.47
C GLN A 114 12.59 -25.08 -1.86
N LYS A 115 12.55 -25.14 -0.52
CA LYS A 115 11.48 -25.84 0.18
C LYS A 115 10.11 -25.30 -0.19
N ALA A 116 10.01 -23.97 -0.38
CA ALA A 116 8.76 -23.35 -0.76
C ALA A 116 8.35 -23.68 -2.18
N GLY A 117 9.24 -24.27 -2.97
CA GLY A 117 8.88 -24.71 -4.30
C GLY A 117 8.92 -23.65 -5.38
N VAL A 118 9.58 -22.52 -5.13
CA VAL A 118 9.55 -21.40 -6.07
C VAL A 118 10.94 -21.03 -6.59
N GLU A 119 11.96 -21.85 -6.35
CA GLU A 119 13.29 -21.52 -6.87
C GLU A 119 13.26 -21.32 -8.37
N HIS A 120 12.42 -22.07 -9.10
CA HIS A 120 12.39 -22.00 -10.55
C HIS A 120 11.98 -20.63 -11.06
N LYS A 121 11.39 -19.78 -10.21
CA LYS A 121 10.97 -18.45 -10.64
C LYS A 121 12.08 -17.41 -10.58
N ILE A 122 13.25 -17.75 -10.05
CA ILE A 122 14.25 -16.77 -9.65
C ILE A 122 15.49 -16.89 -10.51
N ASN A 123 15.92 -15.77 -11.06
CA ASN A 123 17.22 -15.61 -11.70
C ASN A 123 18.06 -14.74 -10.77
N PHE A 124 18.91 -15.37 -9.96
CA PHE A 124 19.78 -14.63 -9.07
C PHE A 124 21.08 -14.26 -9.78
N ILE A 125 21.45 -12.99 -9.71
CA ILE A 125 22.65 -12.45 -10.33
C ILE A 125 23.56 -11.92 -9.24
N GLU A 126 24.73 -12.54 -9.09
CA GLU A 126 25.73 -12.08 -8.13
C GLU A 126 26.55 -10.97 -8.80
N SER A 127 26.17 -9.73 -8.55
CA SER A 127 26.80 -8.58 -9.18
C SER A 127 26.30 -7.31 -8.51
N ASP A 128 27.00 -6.21 -8.78
CA ASP A 128 26.45 -4.89 -8.52
C ASP A 128 25.35 -4.59 -9.52
N ALA A 129 24.30 -3.91 -9.07
CA ALA A 129 23.12 -3.73 -9.91
C ALA A 129 23.36 -2.74 -11.04
N ILE A 130 24.19 -1.70 -10.83
CA ILE A 130 24.35 -0.67 -11.86
C ILE A 130 24.78 -1.29 -13.18
N SER A 131 25.78 -2.16 -13.15
CA SER A 131 26.28 -2.74 -14.40
C SER A 131 25.25 -3.68 -15.01
N VAL A 132 24.46 -4.37 -14.19
CA VAL A 132 23.48 -5.30 -14.74
C VAL A 132 22.37 -4.53 -15.44
N LEU A 133 21.85 -3.48 -14.80
CA LEU A 133 20.79 -2.69 -15.41
C LEU A 133 21.30 -1.92 -16.63
N ASN A 134 22.56 -1.49 -16.63
CA ASN A 134 23.13 -0.89 -17.83
C ASN A 134 23.23 -1.91 -18.96
N GLU A 135 23.56 -3.16 -18.63
CA GLU A 135 23.58 -4.21 -19.65
C GLU A 135 22.16 -4.50 -20.16
N MET A 136 21.15 -4.49 -19.28
CA MET A 136 19.78 -4.66 -19.75
C MET A 136 19.37 -3.55 -20.71
N LEU A 137 19.73 -2.30 -20.40
CA LEU A 137 19.40 -1.20 -21.30
C LEU A 137 20.17 -1.32 -22.60
N SER A 138 21.41 -1.81 -22.54
CA SER A 138 22.24 -1.97 -23.72
C SER A 138 21.99 -3.26 -24.48
N ASP A 139 21.37 -4.26 -23.85
CA ASP A 139 20.92 -5.47 -24.55
C ASP A 139 19.60 -5.17 -25.24
N LYS A 142 18.90 -6.70 -28.86
CA LYS A 142 18.93 -8.14 -28.62
C LYS A 142 17.62 -8.68 -28.03
N LEU A 143 17.08 -7.98 -27.05
CA LEU A 143 15.85 -8.40 -26.37
C LEU A 143 15.23 -7.20 -25.70
N LYS A 144 13.97 -7.36 -25.28
CA LYS A 144 13.23 -6.27 -24.65
C LYS A 144 12.98 -6.61 -23.18
N MET A 145 13.86 -6.12 -22.31
CA MET A 145 13.62 -6.20 -20.87
C MET A 145 12.48 -5.27 -20.47
N GLU A 146 11.41 -5.83 -19.89
CA GLU A 146 10.30 -5.04 -19.38
C GLU A 146 9.76 -5.69 -18.11
N PHE A 147 9.56 -4.90 -17.06
CA PHE A 147 9.12 -5.41 -15.77
C PHE A 147 7.77 -4.82 -15.37
N ASP A 148 6.99 -5.63 -14.66
CA ASP A 148 5.76 -5.14 -14.04
C ASP A 148 6.05 -4.39 -12.75
N PHE A 149 7.10 -4.79 -12.04
CA PHE A 149 7.39 -4.32 -10.71
C PHE A 149 8.89 -4.34 -10.48
N VAL A 150 9.42 -3.27 -9.87
CA VAL A 150 10.83 -3.16 -9.57
C VAL A 150 10.93 -2.81 -8.09
N PHE A 151 11.66 -3.61 -7.32
CA PHE A 151 11.85 -3.32 -5.89
C PHE A 151 13.30 -2.89 -5.69
N VAL A 152 13.50 -1.68 -5.20
CA VAL A 152 14.82 -1.10 -5.00
C VAL A 152 15.09 -1.09 -3.50
N ASP A 153 15.97 -1.98 -3.05
CA ASP A 153 16.28 -2.15 -1.63
C ASP A 153 17.77 -2.46 -1.47
N ALA A 154 18.62 -1.59 -1.99
CA ALA A 154 20.04 -1.90 -2.04
C ALA A 154 20.90 -0.77 -1.48
N ASP A 155 21.92 -0.34 -2.24
CA ASP A 155 22.85 0.69 -1.77
C ASP A 155 22.27 2.07 -2.05
N LYS A 156 21.93 2.78 -0.97
CA LYS A 156 21.23 4.05 -1.09
C LYS A 156 21.92 5.13 -1.93
N PRO A 157 23.25 5.29 -1.92
CA PRO A 157 23.85 6.32 -2.79
C PRO A 157 23.53 6.18 -4.26
N ASN A 158 23.10 4.99 -4.72
CA ASN A 158 22.80 4.75 -6.12
C ASN A 158 21.31 4.82 -6.45
N TYR A 159 20.45 5.17 -5.48
CA TYR A 159 19.01 5.06 -5.69
C TYR A 159 18.52 5.95 -6.84
N ILE A 160 19.05 7.18 -6.94
CA ILE A 160 18.65 8.03 -8.06
C ILE A 160 19.16 7.47 -9.39
N ASN A 161 20.36 6.88 -9.38
CA ASN A 161 20.85 6.23 -10.59
C ASN A 161 19.94 5.07 -10.97
N TYR A 162 19.54 4.25 -9.99
CA TYR A 162 18.62 3.15 -10.29
C TYR A 162 17.29 3.68 -10.83
N HIS A 163 16.81 4.80 -10.29
CA HIS A 163 15.55 5.35 -10.77
C HIS A 163 15.59 5.60 -12.26
N GLU A 164 16.66 6.23 -12.76
CA GLU A 164 16.70 6.55 -14.18
C GLU A 164 16.85 5.30 -15.05
N GLN A 165 17.46 4.24 -14.51
CA GLN A 165 17.47 2.96 -15.21
C GLN A 165 16.10 2.29 -15.12
N ALA A 166 15.54 2.20 -13.91
CA ALA A 166 14.30 1.47 -13.70
C ALA A 166 13.12 2.11 -14.42
N ILE A 167 13.12 3.44 -14.57
CA ILE A 167 12.00 4.09 -15.24
C ILE A 167 11.98 3.76 -16.74
N LYS A 168 13.11 3.30 -17.31
CA LYS A 168 13.13 2.79 -18.68
C LYS A 168 12.73 1.32 -18.76
N LEU A 169 13.01 0.57 -17.70
CA LEU A 169 12.82 -0.88 -17.72
C LEU A 169 11.44 -1.30 -17.24
N VAL A 170 10.76 -0.46 -16.47
CA VAL A 170 9.42 -0.77 -16.00
C VAL A 170 8.42 -0.37 -17.08
N LYS A 171 7.33 -1.12 -17.17
CA LYS A 171 6.27 -0.81 -18.09
C LYS A 171 5.52 0.43 -17.63
N VAL A 172 4.92 1.15 -18.58
CA VAL A 172 3.95 2.17 -18.22
C VAL A 172 2.81 1.47 -17.47
N GLY A 173 2.44 2.02 -16.32
CA GLY A 173 1.49 1.37 -15.43
C GLY A 173 2.13 0.42 -14.44
N GLY A 174 3.41 0.10 -14.62
CA GLY A 174 4.15 -0.69 -13.65
C GLY A 174 4.60 0.14 -12.47
N VAL A 175 5.21 -0.52 -11.49
CA VAL A 175 5.56 0.11 -10.22
C VAL A 175 7.04 -0.08 -9.92
N ILE A 176 7.70 1.00 -9.50
CA ILE A 176 9.02 0.95 -8.86
C ILE A 176 8.79 1.28 -7.40
N ALA A 177 9.20 0.40 -6.50
CA ALA A 177 9.05 0.61 -5.07
C ALA A 177 10.41 0.84 -4.43
N TYR A 178 10.53 1.92 -3.66
CA TYR A 178 11.75 2.20 -2.91
C TYR A 178 11.51 1.93 -1.42
N ASP A 179 12.45 1.25 -0.80
CA ASP A 179 12.41 0.94 0.62
C ASP A 179 13.19 1.98 1.42
N ASN A 180 12.86 2.05 2.71
CA ASN A 180 13.59 2.86 3.69
C ASN A 180 13.49 4.36 3.43
N THR A 181 12.38 4.83 2.85
CA THR A 181 12.34 6.24 2.43
C THR A 181 11.95 7.19 3.57
N LEU A 182 11.68 6.69 4.76
CA LEU A 182 11.58 7.55 5.94
C LEU A 182 12.78 7.44 6.85
N TRP A 183 13.70 6.50 6.59
CA TRP A 183 14.99 6.30 7.25
C TRP A 183 15.00 6.70 8.72
N TYR A 184 14.34 5.89 9.56
CA TYR A 184 14.31 6.06 11.02
C TYR A 184 13.79 7.43 11.44
N GLY A 185 13.02 8.09 10.58
CA GLY A 185 12.57 9.45 10.84
C GLY A 185 13.57 10.53 10.50
N SER A 186 14.80 10.18 10.10
CA SER A 186 15.86 11.15 9.96
C SER A 186 15.66 12.09 8.78
N VAL A 187 14.70 11.82 7.90
CA VAL A 187 14.44 12.76 6.81
C VAL A 187 13.89 14.07 7.31
N VAL A 188 13.55 14.17 8.61
CA VAL A 188 12.99 15.38 9.20
C VAL A 188 13.79 15.79 10.44
N SER A 189 14.65 14.91 10.94
CA SER A 189 15.50 15.27 12.09
C SER A 189 16.38 16.47 11.75
N VAL A 194 19.77 12.65 14.66
CA VAL A 194 20.11 11.54 13.77
C VAL A 194 21.07 10.54 14.43
N PRO A 195 20.65 9.27 14.52
CA PRO A 195 21.54 8.23 15.07
C PRO A 195 22.83 8.15 14.28
N GLU A 196 23.96 8.19 15.00
CA GLU A 196 25.20 8.56 14.37
C GLU A 196 25.60 7.58 13.27
N ARG A 197 25.32 6.28 13.47
CA ARG A 197 25.72 5.28 12.49
C ARG A 197 24.83 5.29 11.24
N LEU A 198 23.65 5.89 11.31
CA LEU A 198 22.80 6.02 10.12
C LEU A 198 22.96 7.34 9.40
N ARG A 199 23.88 8.20 9.85
CA ARG A 199 24.02 9.52 9.25
C ARG A 199 24.38 9.43 7.79
N ALA A 200 25.27 8.49 7.43
CA ALA A 200 25.79 8.43 6.08
C ALA A 200 24.69 8.20 5.06
N SER A 201 23.63 7.48 5.43
CA SER A 201 22.54 7.21 4.52
C SER A 201 21.44 8.25 4.57
N GLN A 202 21.50 9.21 5.51
CA GLN A 202 20.48 10.26 5.59
C GLN A 202 20.43 11.07 4.31
N LYS A 203 21.57 11.64 3.91
CA LYS A 203 21.61 12.48 2.71
C LYS A 203 21.09 11.75 1.47
N PRO A 204 21.57 10.56 1.12
CA PRO A 204 21.08 9.92 -0.11
C PRO A 204 19.57 9.68 -0.10
N ILE A 205 18.99 9.39 1.07
CA ILE A 205 17.54 9.15 1.12
C ILE A 205 16.79 10.47 0.99
N ILE A 206 17.28 11.53 1.64
CA ILE A 206 16.69 12.86 1.45
C ILE A 206 16.76 13.25 -0.02
N GLU A 207 17.91 13.00 -0.66
CA GLU A 207 18.07 13.32 -2.08
C GLU A 207 17.09 12.54 -2.93
N LEU A 208 16.99 11.24 -2.69
CA LEU A 208 16.04 10.41 -3.43
C LEU A 208 14.60 10.91 -3.22
N ASN A 209 14.25 11.25 -1.98
CA ASN A 209 12.88 11.71 -1.70
C ASN A 209 12.55 12.97 -2.50
N LYS A 210 13.47 13.95 -2.52
CA LYS A 210 13.26 15.15 -3.31
C LYS A 210 13.15 14.83 -4.80
N TYR A 211 13.97 13.88 -5.27
CA TYR A 211 13.99 13.53 -6.69
C TYR A 211 12.66 12.93 -7.11
N LEU A 212 12.17 11.93 -6.36
CA LEU A 212 10.89 11.33 -6.71
C LEU A 212 9.73 12.33 -6.57
N ALA A 213 9.79 13.18 -5.54
CA ALA A 213 8.68 14.09 -5.26
C ALA A 213 8.33 14.96 -6.46
N SER A 214 9.33 15.40 -7.22
CA SER A 214 9.13 16.31 -8.34
C SER A 214 9.12 15.62 -9.71
N ASP A 215 9.22 14.29 -9.75
CA ASP A 215 9.26 13.56 -11.02
C ASP A 215 7.88 13.52 -11.67
N PRO A 216 7.69 14.12 -12.85
CA PRO A 216 6.36 14.13 -13.47
C PRO A 216 5.99 12.83 -14.17
N ARG A 217 6.96 11.94 -14.38
CA ARG A 217 6.74 10.69 -15.10
C ARG A 217 6.07 9.64 -14.23
N ILE A 218 5.85 9.92 -12.94
CA ILE A 218 5.34 8.92 -12.01
C ILE A 218 4.21 9.52 -11.19
N GLU A 219 3.30 8.64 -10.75
CA GLU A 219 2.42 8.89 -9.61
C GLU A 219 3.07 8.25 -8.40
N ILE A 220 2.96 8.87 -7.23
CA ILE A 220 3.62 8.28 -6.06
C ILE A 220 2.65 8.13 -4.89
N THR A 221 2.99 7.19 -4.01
CA THR A 221 2.47 7.21 -2.63
C THR A 221 3.59 6.77 -1.69
N GLN A 222 3.93 7.63 -0.73
CA GLN A 222 4.83 7.25 0.34
C GLN A 222 3.98 6.70 1.47
N ILE A 223 4.30 5.48 1.90
CA ILE A 223 3.49 4.71 2.84
C ILE A 223 4.29 4.52 4.12
N SER A 224 3.72 4.91 5.26
CA SER A 224 4.42 4.80 6.54
C SER A 224 4.37 3.37 7.07
N ILE A 225 4.78 2.42 6.25
CA ILE A 225 4.88 1.03 6.66
C ILE A 225 6.36 0.66 6.66
N GLY A 226 6.75 -0.22 7.57
CA GLY A 226 8.16 -0.59 7.65
C GLY A 226 8.98 0.63 8.01
N ASP A 227 10.05 0.87 7.24
CA ASP A 227 10.83 2.10 7.38
C ASP A 227 10.49 3.10 6.28
N GLY A 228 9.25 3.07 5.80
CA GLY A 228 8.84 3.94 4.72
C GLY A 228 8.99 3.24 3.39
N VAL A 229 7.91 3.15 2.62
CA VAL A 229 7.92 2.62 1.26
C VAL A 229 7.32 3.68 0.35
N THR A 230 8.02 3.99 -0.74
CA THR A 230 7.47 4.89 -1.74
C THR A 230 7.22 4.11 -3.02
N LEU A 231 5.94 4.02 -3.40
CA LEU A 231 5.54 3.38 -4.64
C LEU A 231 5.47 4.42 -5.73
N CYS A 232 6.06 4.11 -6.88
CA CYS A 232 6.08 4.99 -8.05
C CYS A 232 5.42 4.24 -9.18
N ARG A 233 4.26 4.71 -9.61
CA ARG A 233 3.58 4.16 -10.78
C ARG A 233 4.00 4.96 -12.01
N ARG A 234 4.60 4.28 -13.00
CA ARG A 234 5.07 4.98 -14.18
C ARG A 234 3.87 5.37 -15.05
N ILE A 235 3.75 6.65 -15.35
CA ILE A 235 2.64 7.10 -16.20
C ILE A 235 3.12 7.74 -17.49
N LEU A 236 4.36 8.20 -17.58
CA LEU A 236 4.97 8.63 -18.85
C LEU A 236 6.14 7.72 -19.21
N LYS B 8 -3.39 14.34 14.25
CA LYS B 8 -3.03 13.02 14.74
C LYS B 8 -2.11 12.26 13.77
N THR B 9 -1.43 11.25 14.31
CA THR B 9 -0.57 10.35 13.55
C THR B 9 -0.28 9.16 14.45
N ILE B 10 -0.09 8.00 13.85
CA ILE B 10 0.41 6.84 14.59
C ILE B 10 1.91 6.70 14.42
N LEU B 11 2.55 7.67 13.80
CA LEU B 11 3.99 7.68 13.62
C LEU B 11 4.69 8.21 14.87
N GLN B 12 6.00 8.02 14.89
CA GLN B 12 6.80 8.39 16.07
C GLN B 12 6.74 9.88 16.35
N SER B 13 6.59 10.71 15.31
CA SER B 13 6.60 12.15 15.50
C SER B 13 5.68 12.84 14.50
N GLU B 14 5.02 13.91 14.96
CA GLU B 14 4.19 14.72 14.07
C GLU B 14 5.01 15.38 12.97
N ALA B 15 6.27 15.70 13.25
CA ALA B 15 7.13 16.27 12.22
C ALA B 15 7.31 15.30 11.06
N LEU B 16 7.51 14.02 11.37
CA LEU B 16 7.64 12.99 10.33
C LEU B 16 6.37 12.88 9.51
N GLN B 17 5.20 12.87 10.16
CA GLN B 17 3.94 12.87 9.43
C GLN B 17 3.82 14.08 8.52
N LYS B 18 4.20 15.28 9.02
CA LYS B 18 4.07 16.48 8.22
C LYS B 18 5.05 16.47 7.04
N TYR B 19 6.19 15.82 7.22
CA TYR B 19 7.15 15.66 6.12
C TYR B 19 6.53 14.90 4.97
N ILE B 20 5.79 13.82 5.27
CA ILE B 20 5.14 13.07 4.20
C ILE B 20 4.15 13.95 3.46
N PHE B 21 3.33 14.71 4.20
CA PHE B 21 2.38 15.61 3.57
C PHE B 21 3.08 16.64 2.69
N ASP B 22 4.06 17.33 3.26
CA ASP B 22 4.67 18.47 2.57
C ASP B 22 5.47 18.04 1.36
N THR B 23 6.23 16.95 1.48
CA THR B 23 7.13 16.53 0.41
C THR B 23 6.39 15.72 -0.64
N ASN B 24 5.56 14.77 -0.22
CA ASN B 24 5.07 13.72 -1.10
C ASN B 24 3.55 13.69 -1.27
N VAL B 25 2.83 14.66 -0.71
CA VAL B 25 1.39 14.69 -0.96
C VAL B 25 0.93 16.02 -1.55
N TYR B 26 1.09 17.10 -0.80
CA TYR B 26 0.53 18.38 -1.24
C TYR B 26 1.00 18.84 -2.62
N PRO B 27 2.25 18.61 -3.06
CA PRO B 27 2.63 19.03 -4.42
C PRO B 27 1.94 18.24 -5.51
N ARG B 28 1.30 17.11 -5.16
CA ARG B 28 0.60 16.24 -6.09
C ARG B 28 -0.91 16.18 -5.84
N GLU B 29 -1.42 16.90 -4.85
CA GLU B 29 -2.81 16.82 -4.45
C GLU B 29 -3.69 17.64 -5.38
N HIS B 30 -4.78 17.03 -5.85
CA HIS B 30 -5.75 17.75 -6.68
C HIS B 30 -6.24 18.98 -5.93
N GLU B 31 -6.40 20.08 -6.67
CA GLU B 31 -6.78 21.34 -6.04
C GLU B 31 -8.14 21.22 -5.35
N GLN B 32 -9.05 20.42 -5.90
CA GLN B 32 -10.37 20.32 -5.28
C GLN B 32 -10.33 19.47 -4.01
N LEU B 33 -9.35 18.58 -3.86
CA LEU B 33 -9.15 17.92 -2.59
C LEU B 33 -8.66 18.90 -1.52
N LYS B 34 -7.71 19.78 -1.89
CA LYS B 34 -7.31 20.84 -0.97
C LYS B 34 -8.50 21.69 -0.56
N ARG B 35 -9.35 22.05 -1.52
CA ARG B 35 -10.54 22.84 -1.21
C ARG B 35 -11.49 22.10 -0.28
N ILE B 36 -11.61 20.77 -0.41
CA ILE B 36 -12.41 20.03 0.54
C ILE B 36 -11.80 20.15 1.94
N ARG B 37 -10.48 20.01 2.04
CA ARG B 37 -9.83 20.11 3.34
C ARG B 37 -10.10 21.47 3.97
N ASP B 38 -9.96 22.54 3.19
CA ASP B 38 -10.14 23.88 3.74
C ASP B 38 -11.58 24.13 4.15
N ALA B 39 -12.53 23.75 3.29
CA ALA B 39 -13.95 23.97 3.60
C ALA B 39 -14.38 23.12 4.78
N THR B 40 -13.77 21.96 4.95
CA THR B 40 -14.11 21.09 6.07
C THR B 40 -13.67 21.73 7.38
N PHE B 41 -12.47 22.31 7.42
CA PHE B 41 -12.09 23.02 8.63
C PHE B 41 -12.99 24.23 8.86
N LYS B 42 -13.28 24.98 7.80
CA LYS B 42 -14.10 26.18 7.96
C LYS B 42 -15.45 25.86 8.59
N LYS B 43 -16.06 24.73 8.20
CA LYS B 43 -17.39 24.40 8.71
C LYS B 43 -17.35 23.56 9.99
N TYR B 44 -16.50 22.54 10.03
CA TYR B 44 -16.51 21.57 11.11
C TYR B 44 -15.30 21.67 12.04
N GLY B 45 -14.37 22.59 11.78
CA GLY B 45 -13.31 22.83 12.72
C GLY B 45 -12.41 21.62 12.88
N TYR B 46 -12.18 21.22 14.13
CA TYR B 46 -11.24 20.12 14.34
C TYR B 46 -11.84 18.78 14.01
N ARG B 47 -13.15 18.69 13.75
CA ARG B 47 -13.71 17.49 13.14
C ARG B 47 -13.21 17.26 11.72
N ALA B 48 -12.48 18.23 11.14
CA ALA B 48 -11.80 17.97 9.88
C ALA B 48 -10.88 16.76 9.98
N GLU B 49 -10.41 16.47 11.20
CA GLU B 49 -9.60 15.28 11.47
C GLU B 49 -10.31 13.99 11.09
N LEU B 50 -11.65 14.00 10.97
CA LEU B 50 -12.40 12.81 10.57
C LEU B 50 -12.11 12.41 9.12
N SER B 51 -11.64 13.34 8.28
CA SER B 51 -11.35 13.02 6.90
C SER B 51 -10.20 12.02 6.81
N VAL B 52 -10.25 11.19 5.77
CA VAL B 52 -9.08 10.37 5.45
C VAL B 52 -7.88 11.30 5.26
N PRO B 53 -6.74 11.04 5.89
CA PRO B 53 -5.60 11.97 5.81
C PRO B 53 -4.98 11.97 4.42
N PRO B 54 -4.25 13.03 4.06
CA PRO B 54 -3.77 13.17 2.68
C PRO B 54 -2.84 12.05 2.23
N ASP B 55 -2.00 11.51 3.12
CA ASP B 55 -1.11 10.44 2.68
C ASP B 55 -1.91 9.15 2.44
N GLU B 56 -2.92 8.88 3.27
CA GLU B 56 -3.79 7.74 3.00
C GLU B 56 -4.59 7.94 1.72
N GLY B 57 -4.95 9.19 1.40
CA GLY B 57 -5.65 9.44 0.14
C GLY B 57 -4.84 8.97 -1.07
N LEU B 58 -3.58 9.40 -1.16
CA LEU B 58 -2.78 8.99 -2.29
C LEU B 58 -2.57 7.49 -2.32
N PHE B 59 -2.51 6.87 -1.15
CA PHE B 59 -2.37 5.41 -1.09
C PHE B 59 -3.59 4.72 -1.68
N LEU B 60 -4.79 5.11 -1.24
CA LEU B 60 -6.03 4.55 -1.78
C LEU B 60 -6.12 4.79 -3.28
N SER B 61 -5.73 5.99 -3.73
CA SER B 61 -5.77 6.29 -5.15
C SER B 61 -4.89 5.33 -5.94
N MET B 62 -3.65 5.14 -5.47
CA MET B 62 -2.71 4.26 -6.17
C MET B 62 -3.22 2.82 -6.17
N LEU B 63 -3.77 2.38 -5.03
CA LEU B 63 -4.39 1.06 -4.96
C LEU B 63 -5.46 0.89 -6.04
N LEU B 64 -6.37 1.86 -6.14
CA LEU B 64 -7.48 1.73 -7.09
C LEU B 64 -6.98 1.69 -8.52
N LYS B 65 -5.92 2.45 -8.83
CA LYS B 65 -5.39 2.43 -10.19
C LYS B 65 -4.71 1.10 -10.49
N LEU B 66 -3.91 0.60 -9.55
CA LEU B 66 -3.21 -0.66 -9.78
C LEU B 66 -4.17 -1.84 -9.86
N MET B 67 -5.29 -1.78 -9.13
CA MET B 67 -6.31 -2.82 -9.15
C MET B 67 -7.13 -2.80 -10.41
N ASN B 68 -7.07 -1.72 -11.19
CA ASN B 68 -8.02 -1.46 -12.27
C ASN B 68 -9.47 -1.44 -11.77
N ALA B 69 -9.69 -0.83 -10.59
CA ALA B 69 -11.05 -0.74 -10.05
C ALA B 69 -11.92 0.13 -10.94
N LYS B 70 -13.21 -0.24 -11.05
CA LYS B 70 -14.16 0.54 -11.83
C LYS B 70 -15.45 0.82 -11.06
N LYS B 71 -15.87 -0.11 -10.19
CA LYS B 71 -17.10 0.01 -9.42
C LYS B 71 -16.76 -0.08 -7.93
N THR B 72 -17.10 0.95 -7.16
CA THR B 72 -16.73 0.95 -5.75
C THR B 72 -17.89 1.36 -4.86
N LEU B 73 -17.73 1.04 -3.58
CA LEU B 73 -18.72 1.32 -2.55
C LEU B 73 -17.99 2.01 -1.42
N GLU B 74 -18.52 3.14 -0.95
CA GLU B 74 -17.93 3.85 0.17
C GLU B 74 -18.97 3.98 1.27
N ILE B 75 -18.62 3.49 2.46
CA ILE B 75 -19.45 3.55 3.65
C ILE B 75 -18.82 4.55 4.60
N GLY B 76 -19.47 5.71 4.78
CA GLY B 76 -18.87 6.81 5.53
C GLY B 76 -18.22 7.84 4.63
N VAL B 77 -18.92 8.96 4.41
CA VAL B 77 -18.56 9.91 3.38
C VAL B 77 -18.08 11.24 3.96
N PHE B 78 -18.76 11.74 4.99
CA PHE B 78 -18.43 13.05 5.62
C PHE B 78 -18.40 14.11 4.52
N THR B 79 -17.37 14.96 4.45
CA THR B 79 -17.29 16.01 3.45
C THR B 79 -16.64 15.56 2.14
N GLY B 80 -16.25 14.30 2.01
CA GLY B 80 -15.92 13.72 0.71
C GLY B 80 -14.46 13.59 0.31
N TYR B 81 -13.49 13.71 1.23
CA TYR B 81 -12.10 13.60 0.80
C TYR B 81 -11.81 12.24 0.16
N SER B 82 -12.14 11.15 0.86
CA SER B 82 -11.89 9.84 0.26
C SER B 82 -12.78 9.60 -0.96
N LEU B 83 -13.98 10.17 -0.95
CA LEU B 83 -14.89 9.97 -2.07
C LEU B 83 -14.37 10.64 -3.33
N LEU B 84 -13.91 11.89 -3.21
CA LEU B 84 -13.33 12.55 -4.38
C LEU B 84 -12.02 11.89 -4.81
N THR B 85 -11.18 11.49 -3.84
CA THR B 85 -9.98 10.72 -4.16
C THR B 85 -10.32 9.53 -5.04
N THR B 86 -11.35 8.79 -4.63
CA THR B 86 -11.76 7.59 -5.36
C THR B 86 -12.26 7.94 -6.74
N ALA B 87 -13.16 8.93 -6.84
CA ALA B 87 -13.71 9.33 -8.13
C ALA B 87 -12.60 9.78 -9.10
N LEU B 88 -11.59 10.48 -8.60
CA LEU B 88 -10.49 10.90 -9.46
C LEU B 88 -9.63 9.73 -9.91
N ALA B 89 -9.56 8.65 -9.12
CA ALA B 89 -8.68 7.55 -9.50
C ALA B 89 -9.35 6.63 -10.52
N LEU B 90 -10.68 6.55 -10.48
CA LEU B 90 -11.41 5.66 -11.33
C LEU B 90 -11.42 6.17 -12.77
N PRO B 91 -11.64 5.28 -13.74
CA PRO B 91 -11.78 5.73 -15.14
C PRO B 91 -13.02 6.60 -15.31
N HIS B 92 -13.15 7.18 -16.51
CA HIS B 92 -14.24 8.12 -16.76
C HIS B 92 -15.61 7.46 -16.55
N ASP B 93 -15.73 6.17 -16.86
CA ASP B 93 -16.99 5.47 -16.66
C ASP B 93 -17.05 4.74 -15.33
N GLY B 94 -16.16 5.07 -14.38
CA GLY B 94 -16.26 4.47 -13.06
C GLY B 94 -17.51 4.91 -12.33
N GLN B 95 -17.94 4.07 -11.38
CA GLN B 95 -19.11 4.34 -10.55
C GLN B 95 -18.80 4.10 -9.08
N ILE B 96 -19.32 4.98 -8.22
CA ILE B 96 -19.16 4.89 -6.78
C ILE B 96 -20.54 5.01 -6.15
N VAL B 97 -20.85 4.08 -5.26
CA VAL B 97 -22.00 4.20 -4.37
C VAL B 97 -21.47 4.68 -3.03
N ALA B 98 -22.00 5.81 -2.54
CA ALA B 98 -21.46 6.47 -1.36
C ALA B 98 -22.60 6.67 -0.36
N ILE B 99 -22.46 6.13 0.85
CA ILE B 99 -23.55 6.11 1.82
C ILE B 99 -23.15 6.85 3.08
N ASP B 100 -24.00 7.78 3.51
CA ASP B 100 -23.79 8.51 4.76
C ASP B 100 -25.11 9.12 5.19
N PRO B 101 -25.49 9.03 6.47
CA PRO B 101 -26.72 9.72 6.90
C PRO B 101 -26.57 11.25 6.93
N ASN B 102 -25.35 11.79 6.85
CA ASN B 102 -25.13 13.23 6.98
C ASN B 102 -25.01 13.86 5.59
N ARG B 103 -26.16 14.18 5.01
CA ARG B 103 -26.17 14.86 3.71
C ARG B 103 -25.55 16.24 3.78
N GLU B 104 -25.75 16.96 4.89
CA GLU B 104 -25.17 18.29 5.03
C GLU B 104 -23.66 18.27 4.85
N ALA B 105 -22.99 17.29 5.45
CA ALA B 105 -21.55 17.17 5.31
C ALA B 105 -21.17 16.89 3.86
N PHE B 106 -21.91 15.98 3.22
CA PHE B 106 -21.66 15.72 1.80
C PHE B 106 -21.75 16.99 0.97
N GLU B 107 -22.74 17.84 1.26
CA GLU B 107 -22.95 19.04 0.46
C GLU B 107 -21.87 20.10 0.69
N VAL B 108 -21.07 19.96 1.75
CA VAL B 108 -19.87 20.78 1.91
C VAL B 108 -18.86 20.45 0.82
N GLY B 109 -18.62 19.16 0.56
CA GLY B 109 -17.66 18.80 -0.46
C GLY B 109 -18.20 18.78 -1.87
N LEU B 110 -19.53 18.67 -2.00
CA LEU B 110 -20.13 18.54 -3.34
C LEU B 110 -19.70 19.60 -4.34
N PRO B 111 -19.64 20.90 -4.00
CA PRO B 111 -19.21 21.88 -5.01
C PRO B 111 -17.86 21.58 -5.61
N PHE B 112 -16.95 21.00 -4.82
CA PHE B 112 -15.60 20.73 -5.30
C PHE B 112 -15.55 19.44 -6.10
N ILE B 113 -16.34 18.45 -5.70
CA ILE B 113 -16.57 17.27 -6.53
C ILE B 113 -17.11 17.68 -7.90
N GLN B 114 -18.05 18.63 -7.92
CA GLN B 114 -18.62 19.08 -9.19
C GLN B 114 -17.58 19.83 -10.02
N LYS B 115 -16.77 20.69 -9.38
CA LYS B 115 -15.72 21.41 -10.11
C LYS B 115 -14.67 20.46 -10.67
N ALA B 116 -14.46 19.32 -10.01
CA ALA B 116 -13.55 18.32 -10.55
C ALA B 116 -14.16 17.51 -11.70
N GLY B 117 -15.45 17.67 -11.99
CA GLY B 117 -16.05 17.00 -13.15
C GLY B 117 -16.45 15.57 -12.94
N VAL B 118 -16.53 15.09 -11.69
CA VAL B 118 -16.74 13.67 -11.42
C VAL B 118 -18.05 13.39 -10.71
N GLU B 119 -18.94 14.39 -10.59
CA GLU B 119 -20.20 14.14 -9.90
C GLU B 119 -20.99 13.01 -10.56
N HIS B 120 -20.89 12.87 -11.89
CA HIS B 120 -21.64 11.84 -12.58
C HIS B 120 -21.26 10.43 -12.15
N LYS B 121 -20.07 10.22 -11.59
CA LYS B 121 -19.66 8.90 -11.13
C LYS B 121 -20.31 8.47 -9.83
N ILE B 122 -20.97 9.38 -9.12
CA ILE B 122 -21.30 9.18 -7.71
C ILE B 122 -22.80 9.03 -7.53
N ASN B 123 -23.19 8.01 -6.78
CA ASN B 123 -24.57 7.81 -6.33
C ASN B 123 -24.53 7.97 -4.82
N PHE B 124 -24.90 9.15 -4.32
CA PHE B 124 -24.90 9.41 -2.89
C PHE B 124 -26.25 9.08 -2.30
N ILE B 125 -26.23 8.32 -1.21
CA ILE B 125 -27.45 7.84 -0.56
C ILE B 125 -27.45 8.28 0.89
N GLU B 126 -28.46 9.07 1.27
CA GLU B 126 -28.56 9.59 2.63
C GLU B 126 -29.27 8.55 3.48
N SER B 127 -28.51 7.72 4.19
CA SER B 127 -29.08 6.64 4.96
C SER B 127 -27.99 6.04 5.85
N ASP B 128 -28.44 5.29 6.87
CA ASP B 128 -27.60 4.29 7.52
C ASP B 128 -27.21 3.21 6.53
N ALA B 129 -25.95 2.77 6.60
CA ALA B 129 -25.46 1.83 5.58
C ALA B 129 -26.04 0.43 5.73
N ILE B 130 -26.37 -0.02 6.95
CA ILE B 130 -26.86 -1.40 7.11
C ILE B 130 -28.08 -1.65 6.24
N SER B 131 -29.02 -0.70 6.20
CA SER B 131 -30.25 -0.94 5.45
C SER B 131 -30.01 -0.87 3.94
N VAL B 132 -29.17 0.06 3.48
CA VAL B 132 -28.82 0.14 2.07
C VAL B 132 -28.19 -1.16 1.61
N LEU B 133 -27.24 -1.70 2.38
CA LEU B 133 -26.56 -2.91 1.96
C LEU B 133 -27.49 -4.12 2.05
N ASN B 134 -28.37 -4.15 3.05
CA ASN B 134 -29.37 -5.22 3.09
C ASN B 134 -30.27 -5.19 1.86
N GLU B 135 -30.64 -4.00 1.39
CA GLU B 135 -31.44 -3.91 0.18
C GLU B 135 -30.67 -4.41 -1.03
N MET B 136 -29.36 -4.12 -1.10
CA MET B 136 -28.54 -4.68 -2.17
C MET B 136 -28.52 -6.20 -2.12
N LEU B 137 -28.42 -6.77 -0.91
CA LEU B 137 -28.38 -8.21 -0.76
C LEU B 137 -29.71 -8.85 -1.14
N SER B 138 -30.81 -8.11 -0.94
CA SER B 138 -32.15 -8.56 -1.32
C SER B 138 -32.40 -8.49 -2.82
N ASP B 139 -31.56 -7.76 -3.55
CA ASP B 139 -31.81 -7.46 -4.96
C ASP B 139 -31.12 -8.54 -5.78
N GLU B 140 -31.80 -9.69 -5.84
CA GLU B 140 -31.27 -10.86 -6.56
C GLU B 140 -30.87 -10.50 -7.97
N GLY B 141 -31.68 -9.66 -8.64
CA GLY B 141 -31.43 -9.34 -10.03
C GLY B 141 -30.09 -8.69 -10.29
N LYS B 142 -29.55 -7.96 -9.32
CA LYS B 142 -28.27 -7.30 -9.52
C LYS B 142 -27.17 -7.91 -8.66
N LEU B 143 -27.37 -9.12 -8.12
CA LEU B 143 -26.39 -9.68 -7.20
C LEU B 143 -25.06 -9.96 -7.87
N LYS B 144 -25.04 -10.20 -9.18
CA LYS B 144 -23.78 -10.45 -9.85
C LYS B 144 -23.15 -9.18 -10.43
N MET B 145 -23.80 -8.03 -10.26
CA MET B 145 -23.24 -6.70 -10.51
C MET B 145 -22.46 -6.30 -9.26
N GLU B 146 -21.19 -6.70 -9.18
CA GLU B 146 -20.45 -6.62 -7.93
C GLU B 146 -19.46 -5.46 -7.90
N PHE B 147 -19.02 -5.12 -6.70
CA PHE B 147 -18.04 -4.05 -6.54
C PHE B 147 -16.63 -4.58 -6.64
N ASP B 148 -15.73 -3.73 -7.14
CA ASP B 148 -14.30 -4.06 -7.15
C ASP B 148 -13.65 -3.72 -5.82
N PHE B 149 -14.18 -2.72 -5.13
CA PHE B 149 -13.54 -2.15 -3.97
C PHE B 149 -14.62 -1.63 -3.04
N VAL B 150 -14.49 -1.94 -1.75
CA VAL B 150 -15.39 -1.42 -0.71
C VAL B 150 -14.52 -0.74 0.33
N PHE B 151 -14.86 0.49 0.69
CA PHE B 151 -14.16 1.26 1.71
C PHE B 151 -15.11 1.46 2.87
N VAL B 152 -14.71 0.98 4.05
CA VAL B 152 -15.51 1.04 5.27
C VAL B 152 -14.87 2.07 6.18
N ASP B 153 -15.56 3.19 6.39
CA ASP B 153 -14.98 4.32 7.10
C ASP B 153 -16.07 5.00 7.92
N ALA B 154 -16.91 4.22 8.59
CA ALA B 154 -18.11 4.76 9.22
C ALA B 154 -18.13 4.44 10.71
N ASP B 155 -19.25 3.91 11.20
CA ASP B 155 -19.45 3.67 12.62
C ASP B 155 -18.82 2.34 13.01
N LYS B 156 -17.73 2.40 13.78
CA LYS B 156 -16.97 1.22 14.13
C LYS B 156 -17.77 0.06 14.73
N PRO B 157 -18.78 0.26 15.58
CA PRO B 157 -19.50 -0.90 16.13
C PRO B 157 -20.18 -1.77 15.08
N ASN B 158 -20.35 -1.30 13.85
CA ASN B 158 -20.99 -2.08 12.81
C ASN B 158 -20.01 -2.73 11.83
N TYR B 159 -18.69 -2.60 12.05
CA TYR B 159 -17.73 -3.04 11.02
C TYR B 159 -17.84 -4.53 10.74
N ILE B 160 -17.99 -5.37 11.77
CA ILE B 160 -18.14 -6.80 11.49
C ILE B 160 -19.43 -7.09 10.72
N ASN B 161 -20.51 -6.35 11.03
CA ASN B 161 -21.75 -6.49 10.27
C ASN B 161 -21.53 -6.09 8.81
N TYR B 162 -20.88 -4.95 8.58
CA TYR B 162 -20.56 -4.53 7.22
C TYR B 162 -19.71 -5.57 6.50
N HIS B 163 -18.81 -6.25 7.22
CA HIS B 163 -17.97 -7.27 6.60
C HIS B 163 -18.82 -8.39 6.02
N GLU B 164 -19.79 -8.88 6.80
CA GLU B 164 -20.59 -10.00 6.32
C GLU B 164 -21.53 -9.59 5.20
N GLN B 165 -21.86 -8.31 5.09
CA GLN B 165 -22.57 -7.83 3.90
C GLN B 165 -21.61 -7.66 2.74
N ALA B 166 -20.51 -6.92 2.95
CA ALA B 166 -19.60 -6.57 1.87
C ALA B 166 -18.97 -7.80 1.23
N ILE B 167 -18.72 -8.85 2.01
CA ILE B 167 -18.09 -10.04 1.46
C ILE B 167 -18.99 -10.72 0.42
N LYS B 168 -20.31 -10.51 0.49
CA LYS B 168 -21.22 -10.97 -0.55
C LYS B 168 -21.43 -9.97 -1.68
N LEU B 169 -21.01 -8.71 -1.49
CA LEU B 169 -21.22 -7.67 -2.49
C LEU B 169 -19.98 -7.38 -3.33
N VAL B 170 -18.78 -7.73 -2.85
CA VAL B 170 -17.54 -7.49 -3.57
C VAL B 170 -17.20 -8.71 -4.41
N LYS B 171 -16.50 -8.49 -5.51
CA LYS B 171 -16.13 -9.60 -6.39
C LYS B 171 -15.04 -10.44 -5.74
N VAL B 172 -15.01 -11.73 -6.10
CA VAL B 172 -13.82 -12.52 -5.82
C VAL B 172 -12.64 -11.86 -6.49
N GLY B 173 -11.56 -11.65 -5.73
CA GLY B 173 -10.44 -10.86 -6.20
C GLY B 173 -10.53 -9.38 -5.93
N GLY B 174 -11.69 -8.89 -5.48
CA GLY B 174 -11.83 -7.51 -5.07
C GLY B 174 -11.39 -7.31 -3.64
N VAL B 175 -11.50 -6.06 -3.17
CA VAL B 175 -10.87 -5.63 -1.93
C VAL B 175 -11.91 -4.91 -1.08
N ILE B 176 -11.97 -5.28 0.20
CA ILE B 176 -12.65 -4.49 1.22
C ILE B 176 -11.56 -3.88 2.09
N ALA B 177 -11.60 -2.55 2.24
CA ALA B 177 -10.62 -1.81 3.04
C ALA B 177 -11.30 -1.25 4.28
N TYR B 178 -10.78 -1.59 5.46
CA TYR B 178 -11.29 -1.05 6.72
C TYR B 178 -10.38 0.06 7.21
N ASP B 179 -10.96 1.21 7.53
CA ASP B 179 -10.18 2.29 8.12
C ASP B 179 -10.13 2.11 9.63
N ASN B 180 -9.16 2.78 10.27
CA ASN B 180 -9.08 2.86 11.73
C ASN B 180 -8.80 1.52 12.40
N THR B 181 -8.05 0.61 11.77
CA THR B 181 -7.90 -0.71 12.40
C THR B 181 -6.77 -0.74 13.40
N LEU B 182 -6.03 0.35 13.57
CA LEU B 182 -5.13 0.49 14.71
C LEU B 182 -5.70 1.43 15.77
N TRP B 183 -7.01 1.68 15.71
CA TRP B 183 -7.76 2.58 16.61
C TRP B 183 -6.91 3.51 17.49
N GLN B 202 -12.99 1.38 21.15
CA GLN B 202 -11.84 0.53 20.85
C GLN B 202 -12.24 -0.93 20.67
N LYS B 203 -13.14 -1.40 21.54
CA LYS B 203 -13.56 -2.81 21.51
C LYS B 203 -14.03 -3.29 20.15
N PRO B 204 -14.87 -2.58 19.40
CA PRO B 204 -15.26 -3.10 18.08
C PRO B 204 -14.08 -3.27 17.13
N ILE B 205 -13.03 -2.47 17.29
CA ILE B 205 -11.86 -2.63 16.42
C ILE B 205 -11.04 -3.84 16.85
N ILE B 206 -10.85 -4.03 18.15
CA ILE B 206 -10.17 -5.24 18.62
C ILE B 206 -10.90 -6.48 18.10
N GLU B 207 -12.22 -6.49 18.22
CA GLU B 207 -13.03 -7.61 17.75
C GLU B 207 -12.92 -7.77 16.24
N LEU B 208 -13.00 -6.65 15.49
CA LEU B 208 -12.88 -6.73 14.04
C LEU B 208 -11.55 -7.34 13.62
N ASN B 209 -10.46 -6.90 14.26
CA ASN B 209 -9.14 -7.37 13.86
C ASN B 209 -9.01 -8.88 14.07
N LYS B 210 -9.53 -9.40 15.19
CA LYS B 210 -9.52 -10.85 15.41
C LYS B 210 -10.37 -11.56 14.36
N TYR B 211 -11.53 -10.99 14.04
CA TYR B 211 -12.47 -11.61 13.11
C TYR B 211 -11.85 -11.75 11.72
N LEU B 212 -11.30 -10.65 11.19
CA LEU B 212 -10.65 -10.71 9.88
C LEU B 212 -9.42 -11.61 9.89
N ALA B 213 -8.68 -11.63 11.01
CA ALA B 213 -7.48 -12.44 11.06
C ALA B 213 -7.79 -13.92 10.88
N SER B 214 -8.99 -14.34 11.25
CA SER B 214 -9.39 -15.73 11.23
C SER B 214 -10.41 -16.04 10.14
N ASP B 215 -10.60 -15.12 9.19
CA ASP B 215 -11.57 -15.30 8.13
C ASP B 215 -10.91 -16.05 6.96
N PRO B 216 -11.28 -17.31 6.70
CA PRO B 216 -10.64 -18.03 5.59
C PRO B 216 -11.06 -17.56 4.20
N ARG B 217 -12.08 -16.72 4.10
CA ARG B 217 -12.56 -16.22 2.81
C ARG B 217 -11.71 -15.08 2.25
N ILE B 218 -10.75 -14.56 3.02
CA ILE B 218 -10.00 -13.37 2.62
C ILE B 218 -8.52 -13.59 2.86
N GLU B 219 -7.72 -12.84 2.11
CA GLU B 219 -6.33 -12.56 2.42
C GLU B 219 -6.28 -11.14 2.96
N ILE B 220 -5.39 -10.88 3.93
CA ILE B 220 -5.34 -9.55 4.55
C ILE B 220 -3.94 -8.99 4.54
N THR B 221 -3.87 -7.67 4.60
CA THR B 221 -2.67 -6.95 5.02
C THR B 221 -3.09 -5.72 5.81
N GLN B 222 -2.52 -5.57 7.00
CA GLN B 222 -2.76 -4.37 7.78
C GLN B 222 -1.60 -3.40 7.55
N ILE B 223 -1.94 -2.17 7.19
CA ILE B 223 -0.98 -1.14 6.81
C ILE B 223 -1.03 -0.03 7.83
N SER B 224 0.14 0.32 8.39
CA SER B 224 0.24 1.36 9.41
C SER B 224 0.29 2.76 8.78
N ILE B 225 -0.75 3.07 7.99
CA ILE B 225 -0.94 4.38 7.39
C ILE B 225 -2.23 4.95 7.95
N GLY B 226 -2.27 6.27 8.12
CA GLY B 226 -3.49 6.86 8.67
C GLY B 226 -3.70 6.37 10.09
N ASP B 227 -4.95 6.00 10.40
CA ASP B 227 -5.24 5.36 11.68
C ASP B 227 -5.15 3.84 11.60
N GLY B 228 -4.49 3.31 10.56
CA GLY B 228 -4.46 1.88 10.32
C GLY B 228 -5.46 1.47 9.25
N VAL B 229 -5.00 0.83 8.18
CA VAL B 229 -5.87 0.35 7.12
C VAL B 229 -5.64 -1.16 6.96
N THR B 230 -6.72 -1.93 6.95
CA THR B 230 -6.62 -3.36 6.66
C THR B 230 -7.30 -3.63 5.32
N LEU B 231 -6.52 -4.14 4.37
CA LEU B 231 -7.05 -4.56 3.08
C LEU B 231 -7.41 -6.03 3.13
N CYS B 232 -8.60 -6.36 2.65
CA CYS B 232 -9.12 -7.73 2.63
C CYS B 232 -9.41 -8.10 1.18
N ARG B 233 -8.59 -8.97 0.60
CA ARG B 233 -8.82 -9.44 -0.76
C ARG B 233 -9.69 -10.69 -0.70
N ARG B 234 -10.85 -10.66 -1.35
CA ARG B 234 -11.74 -11.81 -1.31
C ARG B 234 -11.21 -12.94 -2.19
N ILE B 235 -11.05 -14.12 -1.58
CA ILE B 235 -10.54 -15.28 -2.30
C ILE B 235 -11.54 -16.41 -2.38
N LEU B 236 -12.63 -16.35 -1.63
CA LEU B 236 -13.70 -17.35 -1.74
C LEU B 236 -15.05 -16.67 -1.77
N SAH C . 15.22 -6.96 0.29
CA SAH C . 16.13 -7.71 1.16
CB SAH C . 17.03 -6.75 1.94
CG SAH C . 18.15 -6.14 1.10
SD SAH C . 19.42 -5.51 2.25
C SAH C . 15.37 -8.60 2.14
O SAH C . 14.14 -8.54 2.21
OXT SAH C . 15.96 -9.40 2.87
C5' SAH C . 20.39 -4.61 1.01
C4' SAH C . 21.24 -5.47 0.11
O4' SAH C . 21.82 -4.62 -0.85
C3' SAH C . 22.43 -6.16 0.79
O3' SAH C . 22.23 -7.57 0.77
C2' SAH C . 23.63 -5.79 -0.06
O2' SAH C . 24.48 -6.89 -0.34
C1' SAH C . 22.96 -5.27 -1.31
N9 SAH C . 23.83 -4.41 -2.12
C8 SAH C . 24.86 -3.61 -1.73
N7 SAH C . 25.38 -3.02 -2.83
C5 SAH C . 24.68 -3.44 -3.92
C6 SAH C . 24.78 -3.16 -5.27
N6 SAH C . 25.70 -2.32 -5.73
N1 SAH C . 23.89 -3.76 -6.13
C2 SAH C . 22.93 -4.62 -5.67
N3 SAH C . 22.83 -4.89 -4.31
C4 SAH C . 23.69 -4.31 -3.47
MG MG D . 14.29 -3.79 3.64
N SAH E . -14.36 8.87 4.32
CA SAH E . -14.66 10.19 4.89
CB SAH E . -14.64 10.15 6.41
CG SAH E . -15.85 9.49 7.07
SD SAH E . -16.09 10.09 8.77
C SAH E . -13.70 11.26 4.42
O SAH E . -12.62 10.97 3.88
OXT SAH E . -13.98 12.45 4.59
C5' SAH E . -17.29 8.83 9.28
C4' SAH E . -18.70 9.01 8.72
O4' SAH E . -19.48 7.88 9.07
C3' SAH E . -19.46 10.25 9.20
O3' SAH E . -19.60 11.17 8.14
C2' SAH E . -20.79 9.71 9.71
O2' SAH E . -21.90 10.50 9.35
C1' SAH E . -20.81 8.33 9.06
N9 SAH E . -21.74 7.38 9.68
C8 SAH E . -22.10 7.27 11.00
N7 SAH E . -22.98 6.25 11.10
C5 SAH E . -23.19 5.73 9.86
C6 SAH E . -23.98 4.69 9.39
N6 SAH E . -24.75 3.99 10.20
N1 SAH E . -23.96 4.40 8.04
C2 SAH E . -23.16 5.12 7.18
N3 SAH E . -22.37 6.15 7.63
C4 SAH E . -22.39 6.44 8.96
#